data_5Y8L
#
_entry.id   5Y8L
#
_cell.length_a   128.790
_cell.length_b   128.790
_cell.length_c   70.220
_cell.angle_alpha   90.00
_cell.angle_beta   90.00
_cell.angle_gamma   120.00
#
_symmetry.space_group_name_H-M   'P 65'
#
loop_
_entity.id
_entity.type
_entity.pdbx_description
1 polymer 'Probable 3-hydroxyisobutyrate dehydrogenase'
2 non-polymer NICOTINAMIDE-ADENINE-DINUCLEOTIDE
3 non-polymer GLYCEROL
4 non-polymer '(2~{S})-2-methylpentanedioic acid'
5 non-polymer '(2S)-2-methyl-3-oxidanyl-propanoic acid'
6 water water
#
_entity_poly.entity_id   1
_entity_poly.type   'polypeptide(L)'
_entity_poly.pdbx_seq_one_letter_code
;MMTTIAFLGLGNMGAPMSANLVGAGHVVRGFDPAPTAASGAAAHGVAVFRSAPEAVAEADVVITMLPTGEVVRRCYTDVL
AAARPATLFIDSSTISVTDAREVHALAESHGMLQLDAPVSGGVKGAAAATLAFMVGGDESTLRRARPVLEPMAGKIIHCG
AAGAGQAAKVCNNMVLAVQQIAIAEAFVLAEKLGLSAQSLFDVITGATGNCWAVHTNCPVPGPVPTSPANNDFKPGFSTA
LMNKDLGLAMDAVAATGATAPLGSHAADIYAKFAADHADLDFSAVIHTLRARADA
;
_entity_poly.pdbx_strand_id   A,B
#
# COMPACT_ATOMS: atom_id res chain seq x y z
C MET A 2 -12.55 -36.48 18.98
N THR A 3 -12.31 -35.24 18.56
CA THR A 3 -12.57 -34.09 19.40
C THR A 3 -14.03 -33.63 19.23
N THR A 4 -14.68 -33.30 20.34
CA THR A 4 -16.08 -32.84 20.31
C THR A 4 -15.99 -31.33 20.39
N ILE A 5 -16.60 -30.66 19.43
CA ILE A 5 -16.51 -29.21 19.32
C ILE A 5 -17.89 -28.59 19.44
N ALA A 6 -18.06 -27.59 20.32
CA ALA A 6 -19.29 -26.83 20.34
C ALA A 6 -19.03 -25.55 19.49
N PHE A 7 -19.94 -25.24 18.57
CA PHE A 7 -19.81 -24.13 17.65
C PHE A 7 -20.96 -23.23 17.88
N LEU A 8 -20.68 -22.05 18.42
CA LEU A 8 -21.70 -21.10 18.79
C LEU A 8 -21.61 -19.95 17.80
N GLY A 9 -22.61 -19.84 16.95
CA GLY A 9 -22.69 -18.83 15.88
C GLY A 9 -22.52 -19.56 14.55
N LEU A 10 -23.63 -19.86 13.90
CA LEU A 10 -23.66 -20.70 12.70
C LEU A 10 -24.14 -19.93 11.51
N GLY A 11 -23.63 -18.72 11.41
CA GLY A 11 -24.09 -17.75 10.42
C GLY A 11 -23.26 -17.86 9.15
N ASN A 12 -23.09 -16.76 8.45
CA ASN A 12 -22.41 -16.77 7.20
C ASN A 12 -21.02 -17.42 7.23
N MET A 13 -20.27 -17.11 8.26
CA MET A 13 -18.97 -17.74 8.47
C MET A 13 -19.05 -19.04 9.26
N GLY A 14 -19.85 -19.06 10.33
CA GLY A 14 -19.88 -20.22 11.23
C GLY A 14 -20.42 -21.47 10.55
N ALA A 15 -21.40 -21.30 9.65
CA ALA A 15 -21.98 -22.49 8.96
C ALA A 15 -20.92 -23.27 8.07
N PRO A 16 -20.21 -22.63 7.14
CA PRO A 16 -19.20 -23.34 6.39
C PRO A 16 -18.01 -23.82 7.24
N MET A 17 -17.61 -23.03 8.24
CA MET A 17 -16.56 -23.48 9.13
C MET A 17 -16.92 -24.77 9.80
N SER A 18 -18.12 -24.82 10.37
CA SER A 18 -18.53 -25.99 11.08
C SER A 18 -18.69 -27.22 10.18
N ALA A 19 -19.08 -26.97 8.95
CA ALA A 19 -19.18 -28.06 7.97
C ALA A 19 -17.82 -28.66 7.68
N ASN A 20 -16.77 -27.81 7.60
CA ASN A 20 -15.41 -28.33 7.45
C ASN A 20 -14.95 -29.14 8.66
N LEU A 21 -15.37 -28.76 9.85
CA LEU A 21 -15.06 -29.55 11.03
C LEU A 21 -15.77 -30.91 11.00
N VAL A 22 -17.01 -30.96 10.60
CA VAL A 22 -17.68 -32.23 10.46
C VAL A 22 -16.96 -33.10 9.38
N GLY A 23 -16.58 -32.49 8.28
CA GLY A 23 -15.89 -33.12 7.20
C GLY A 23 -14.53 -33.68 7.57
N ALA A 24 -13.93 -33.15 8.62
CA ALA A 24 -12.62 -33.62 9.07
C ALA A 24 -12.71 -34.62 10.20
N GLY A 25 -13.91 -35.07 10.54
CA GLY A 25 -14.09 -36.10 11.53
C GLY A 25 -14.40 -35.71 12.96
N HIS A 26 -14.69 -34.43 13.18
CA HIS A 26 -15.07 -33.98 14.50
C HIS A 26 -16.53 -34.18 14.75
N VAL A 27 -16.90 -34.32 16.02
CA VAL A 27 -18.26 -34.31 16.48
C VAL A 27 -18.55 -32.84 16.79
N VAL A 28 -19.50 -32.28 16.09
CA VAL A 28 -19.79 -30.86 16.21
C VAL A 28 -21.17 -30.66 16.76
N ARG A 29 -21.23 -29.87 17.83
CA ARG A 29 -22.45 -29.56 18.56
C ARG A 29 -22.65 -28.07 18.34
N GLY A 30 -23.84 -27.64 18.10
CA GLY A 30 -24.10 -26.31 17.61
C GLY A 30 -25.19 -25.60 18.34
N PHE A 31 -25.10 -24.27 18.34
CA PHE A 31 -26.20 -23.44 18.78
C PHE A 31 -26.19 -22.15 18.00
N ASP A 32 -27.41 -21.72 17.60
CA ASP A 32 -27.61 -20.44 16.95
C ASP A 32 -29.08 -20.07 17.19
N PRO A 33 -29.36 -18.87 17.60
CA PRO A 33 -30.78 -18.50 17.84
C PRO A 33 -31.61 -18.23 16.59
N ALA A 34 -30.99 -18.20 15.40
CA ALA A 34 -31.71 -18.09 14.14
C ALA A 34 -31.98 -19.49 13.61
N PRO A 35 -33.26 -19.91 13.53
CA PRO A 35 -33.60 -21.24 13.02
C PRO A 35 -33.05 -21.58 11.67
N THR A 36 -33.11 -20.67 10.71
CA THR A 36 -32.58 -20.95 9.41
C THR A 36 -31.05 -21.29 9.49
N ALA A 37 -30.30 -20.60 10.36
CA ALA A 37 -28.87 -20.95 10.58
C ALA A 37 -28.69 -22.32 11.21
N ALA A 38 -29.43 -22.58 12.26
CA ALA A 38 -29.34 -23.85 12.96
C ALA A 38 -29.74 -25.08 12.05
N SER A 39 -30.83 -24.95 11.27
CA SER A 39 -31.32 -25.94 10.30
C SER A 39 -30.31 -26.23 9.22
N GLY A 40 -29.77 -25.18 8.64
CA GLY A 40 -28.73 -25.27 7.64
C GLY A 40 -27.51 -26.03 8.19
N ALA A 41 -27.17 -25.76 9.45
CA ALA A 41 -26.04 -26.42 10.11
C ALA A 41 -26.32 -27.90 10.38
N ALA A 42 -27.51 -28.25 10.91
CA ALA A 42 -27.94 -29.63 11.13
C ALA A 42 -27.97 -30.44 9.85
N ALA A 43 -28.24 -29.77 8.74
CA ALA A 43 -28.23 -30.42 7.45
C ALA A 43 -26.85 -30.79 6.96
N HIS A 44 -25.78 -30.22 7.55
CA HIS A 44 -24.44 -30.70 7.25
C HIS A 44 -23.77 -31.44 8.40
N GLY A 45 -24.55 -31.93 9.34
CA GLY A 45 -24.03 -32.85 10.34
C GLY A 45 -23.79 -32.32 11.75
N VAL A 46 -24.12 -31.03 11.95
CA VAL A 46 -24.01 -30.47 13.28
C VAL A 46 -25.24 -30.91 14.08
N ALA A 47 -25.00 -31.36 15.29
CA ALA A 47 -26.03 -31.66 16.21
C ALA A 47 -26.37 -30.33 16.87
N VAL A 48 -27.58 -29.81 16.64
CA VAL A 48 -27.98 -28.52 17.19
C VAL A 48 -28.77 -28.64 18.47
N PHE A 49 -28.45 -27.80 19.46
CA PHE A 49 -29.08 -27.81 20.77
C PHE A 49 -29.90 -26.56 20.91
N ARG A 50 -30.81 -26.58 21.87
CA ARG A 50 -31.70 -25.48 22.11
C ARG A 50 -31.09 -24.36 22.91
N SER A 51 -29.90 -24.59 23.48
CA SER A 51 -29.30 -23.49 24.21
C SER A 51 -27.79 -23.56 24.11
N ALA A 52 -27.14 -22.44 24.30
CA ALA A 52 -25.63 -22.47 24.22
C ALA A 52 -25.00 -23.34 25.33
N PRO A 53 -25.46 -23.20 26.60
CA PRO A 53 -24.86 -24.09 27.61
C PRO A 53 -25.03 -25.57 27.30
N GLU A 54 -26.15 -25.96 26.67
CA GLU A 54 -26.34 -27.37 26.31
C GLU A 54 -25.32 -27.83 25.28
N ALA A 55 -25.08 -27.00 24.27
CA ALA A 55 -24.06 -27.36 23.27
C ALA A 55 -22.69 -27.55 23.89
N VAL A 56 -22.31 -26.67 24.81
CA VAL A 56 -21.01 -26.68 25.42
C VAL A 56 -20.77 -27.85 26.36
N ALA A 57 -21.82 -28.41 26.94
CA ALA A 57 -21.72 -29.38 28.04
C ALA A 57 -20.73 -30.54 27.85
N GLU A 58 -20.72 -31.13 26.67
CA GLU A 58 -19.84 -32.29 26.39
C GLU A 58 -18.68 -31.95 25.43
N ALA A 59 -18.37 -30.67 25.29
CA ALA A 59 -17.37 -30.23 24.32
C ALA A 59 -15.94 -30.19 24.91
N ASP A 60 -14.97 -30.61 24.11
CA ASP A 60 -13.55 -30.39 24.39
C ASP A 60 -13.06 -28.99 23.91
N VAL A 61 -13.76 -28.43 22.90
CA VAL A 61 -13.41 -27.15 22.31
C VAL A 61 -14.69 -26.40 22.08
N VAL A 62 -14.67 -25.13 22.41
CA VAL A 62 -15.79 -24.25 22.12
C VAL A 62 -15.31 -23.12 21.20
N ILE A 63 -15.94 -22.99 20.04
CA ILE A 63 -15.66 -21.96 19.06
C ILE A 63 -16.78 -21.04 19.00
N THR A 64 -16.48 -19.74 19.07
CA THR A 64 -17.50 -18.70 18.88
C THR A 64 -17.23 -17.95 17.60
N MET A 65 -18.28 -17.70 16.84
CA MET A 65 -18.18 -16.92 15.63
C MET A 65 -19.36 -15.97 15.62
N LEU A 66 -19.22 -14.86 16.32
CA LEU A 66 -20.37 -14.06 16.74
C LEU A 66 -20.22 -12.62 16.30
N PRO A 67 -21.30 -11.81 16.37
CA PRO A 67 -21.20 -10.49 15.68
C PRO A 67 -20.40 -9.43 16.37
N THR A 68 -20.36 -9.42 17.69
CA THR A 68 -19.65 -8.35 18.40
C THR A 68 -19.10 -8.80 19.75
N GLY A 69 -18.22 -7.98 20.33
CA GLY A 69 -17.59 -8.27 21.61
C GLY A 69 -18.60 -8.38 22.73
N GLU A 70 -19.64 -7.56 22.64
CA GLU A 70 -20.68 -7.64 23.64
C GLU A 70 -21.42 -9.02 23.62
N VAL A 71 -21.63 -9.57 22.43
CA VAL A 71 -22.28 -10.86 22.30
C VAL A 71 -21.32 -11.95 22.74
N VAL A 72 -20.04 -11.82 22.38
CA VAL A 72 -19.07 -12.80 22.81
C VAL A 72 -18.99 -12.84 24.34
N ARG A 73 -18.91 -11.66 24.95
CA ARG A 73 -18.86 -11.55 26.40
C ARG A 73 -20.05 -12.26 27.06
N ARG A 74 -21.25 -11.90 26.64
CA ARG A 74 -22.47 -12.51 27.19
C ARG A 74 -22.46 -14.03 27.02
N CYS A 75 -22.08 -14.48 25.82
CA CYS A 75 -22.04 -15.92 25.51
C CYS A 75 -21.08 -16.63 26.51
N TYR A 76 -19.90 -16.05 26.74
CA TYR A 76 -18.96 -16.62 27.71
C TYR A 76 -19.54 -16.73 29.11
N THR A 77 -20.11 -15.64 29.60
CA THR A 77 -20.71 -15.76 30.93
C THR A 77 -21.94 -16.72 30.94
N ASP A 78 -22.54 -16.88 29.77
CA ASP A 78 -23.68 -17.78 29.62
C ASP A 78 -23.29 -19.26 29.43
N VAL A 79 -22.01 -19.55 29.21
CA VAL A 79 -21.59 -20.95 29.02
C VAL A 79 -20.44 -21.45 29.90
N LEU A 80 -19.68 -20.56 30.47
CA LEU A 80 -18.50 -20.97 31.11
C LEU A 80 -18.73 -22.00 32.22
N ALA A 81 -19.76 -21.80 33.03
CA ALA A 81 -20.08 -22.73 34.14
C ALA A 81 -20.50 -24.11 33.62
N ALA A 82 -21.02 -24.17 32.39
CA ALA A 82 -21.44 -25.42 31.79
C ALA A 82 -20.28 -26.20 31.16
N ALA A 83 -19.17 -25.56 30.84
CA ALA A 83 -18.06 -26.27 30.23
C ALA A 83 -17.27 -27.12 31.23
N ARG A 84 -16.66 -28.18 30.76
CA ARG A 84 -15.72 -28.94 31.58
C ARG A 84 -14.40 -28.24 31.82
N PRO A 85 -13.69 -28.53 32.94
CA PRO A 85 -12.38 -27.91 33.13
C PRO A 85 -11.44 -28.15 31.99
N ALA A 86 -10.64 -27.14 31.73
CA ALA A 86 -9.59 -27.17 30.70
C ALA A 86 -10.17 -27.35 29.27
N THR A 87 -11.43 -26.99 29.10
CA THR A 87 -12.00 -26.86 27.75
C THR A 87 -11.24 -25.73 27.05
N LEU A 88 -10.99 -25.89 25.75
CA LEU A 88 -10.31 -24.92 24.96
C LEU A 88 -11.36 -24.01 24.21
N PHE A 89 -11.36 -22.72 24.54
CA PHE A 89 -12.25 -21.75 23.94
C PHE A 89 -11.49 -21.00 22.87
N ILE A 90 -12.04 -20.96 21.67
CA ILE A 90 -11.41 -20.23 20.61
C ILE A 90 -12.42 -19.23 20.06
N ASP A 91 -12.17 -17.91 20.26
CA ASP A 91 -13.02 -16.90 19.65
C ASP A 91 -12.48 -16.42 18.28
N SER A 92 -13.19 -16.75 17.22
CA SER A 92 -12.87 -16.35 15.89
C SER A 92 -13.70 -15.16 15.42
N SER A 93 -14.56 -14.64 16.27
CA SER A 93 -15.19 -13.34 16.01
C SER A 93 -14.14 -12.23 15.78
N THR A 94 -14.58 -11.16 15.11
CA THR A 94 -13.76 -9.98 14.97
C THR A 94 -14.29 -8.97 16.01
N ILE A 95 -13.54 -8.79 17.08
CA ILE A 95 -13.91 -7.91 18.17
C ILE A 95 -12.71 -7.05 18.64
N SER A 96 -12.96 -6.06 19.48
CA SER A 96 -11.89 -5.20 19.94
C SER A 96 -10.83 -5.93 20.76
N VAL A 97 -9.64 -5.40 20.74
CA VAL A 97 -8.53 -5.95 21.48
C VAL A 97 -8.92 -5.93 22.96
N THR A 98 -9.50 -4.82 23.41
CA THR A 98 -9.97 -4.78 24.81
C THR A 98 -10.93 -5.89 25.17
N ASP A 99 -11.98 -6.05 24.35
CA ASP A 99 -12.95 -7.13 24.62
C ASP A 99 -12.30 -8.51 24.51
N ALA A 100 -11.43 -8.70 23.52
CA ALA A 100 -10.71 -9.96 23.45
C ALA A 100 -9.98 -10.31 24.71
N ARG A 101 -9.21 -9.37 25.20
CA ARG A 101 -8.43 -9.59 26.46
C ARG A 101 -9.27 -9.80 27.70
N GLU A 102 -10.42 -9.18 27.73
CA GLU A 102 -11.33 -9.37 28.83
C GLU A 102 -11.94 -10.73 28.80
N VAL A 103 -12.41 -11.21 27.63
CA VAL A 103 -13.02 -12.52 27.57
C VAL A 103 -11.99 -13.64 27.72
N HIS A 104 -10.74 -13.40 27.31
CA HIS A 104 -9.65 -14.34 27.57
C HIS A 104 -9.46 -14.52 29.09
N ALA A 105 -9.34 -13.42 29.82
CA ALA A 105 -9.08 -13.49 31.24
C ALA A 105 -10.28 -14.13 31.95
N LEU A 106 -11.49 -13.83 31.50
CA LEU A 106 -12.66 -14.50 32.05
C LEU A 106 -12.61 -16.02 31.89
N ALA A 107 -12.29 -16.49 30.69
CA ALA A 107 -12.25 -17.88 30.41
C ALA A 107 -11.17 -18.56 31.22
N GLU A 108 -9.97 -17.98 31.24
CA GLU A 108 -8.86 -18.53 32.01
C GLU A 108 -9.25 -18.54 33.49
N SER A 109 -9.90 -17.56 34.08
N SER A 109 -9.93 -17.56 34.05
CA SER A 109 -10.21 -17.62 35.50
CA SER A 109 -10.35 -17.58 35.46
C SER A 109 -11.18 -18.76 35.84
C SER A 109 -11.17 -18.78 35.83
N HIS A 110 -11.90 -19.32 34.84
CA HIS A 110 -12.65 -20.57 35.02
C HIS A 110 -11.89 -21.80 34.72
N GLY A 111 -10.59 -21.72 34.59
CA GLY A 111 -9.80 -22.93 34.34
C GLY A 111 -9.88 -23.42 32.90
N MET A 112 -10.30 -22.54 31.99
CA MET A 112 -10.29 -22.86 30.56
C MET A 112 -9.01 -22.33 29.91
N LEU A 113 -8.74 -22.81 28.69
CA LEU A 113 -7.64 -22.34 27.87
C LEU A 113 -8.29 -21.52 26.77
N GLN A 114 -7.77 -20.36 26.43
CA GLN A 114 -8.49 -19.52 25.47
C GLN A 114 -7.58 -18.83 24.48
N LEU A 115 -8.00 -18.79 23.22
CA LEU A 115 -7.37 -18.07 22.16
C LEU A 115 -8.35 -17.08 21.46
N ASP A 116 -7.84 -15.93 21.04
CA ASP A 116 -8.45 -15.17 19.97
C ASP A 116 -7.86 -15.58 18.65
N ALA A 117 -8.72 -15.86 17.68
CA ALA A 117 -8.33 -16.43 16.38
C ALA A 117 -9.21 -15.87 15.32
N PRO A 118 -9.24 -14.54 15.24
CA PRO A 118 -10.07 -13.96 14.15
C PRO A 118 -9.52 -14.31 12.76
N VAL A 119 -10.37 -14.21 11.74
CA VAL A 119 -10.03 -14.64 10.40
C VAL A 119 -10.18 -13.63 9.31
N SER A 120 -9.41 -13.87 8.24
N SER A 120 -9.44 -13.84 8.24
CA SER A 120 -9.58 -13.21 6.94
CA SER A 120 -9.74 -13.16 6.97
C SER A 120 -9.88 -14.24 5.86
C SER A 120 -9.88 -14.20 5.88
N GLY A 121 -10.71 -13.87 4.88
CA GLY A 121 -10.98 -14.69 3.72
C GLY A 121 -12.46 -14.80 3.33
N GLY A 122 -13.37 -14.29 4.12
CA GLY A 122 -14.79 -14.31 3.75
C GLY A 122 -15.44 -15.67 3.69
N VAL A 123 -16.69 -15.65 3.28
CA VAL A 123 -17.48 -16.86 3.09
C VAL A 123 -16.82 -17.85 2.09
N LYS A 124 -16.20 -17.32 1.04
CA LYS A 124 -15.58 -18.18 0.01
C LYS A 124 -14.42 -18.86 0.67
N GLY A 125 -13.62 -18.13 1.46
CA GLY A 125 -12.54 -18.75 2.17
C GLY A 125 -13.01 -19.75 3.21
N ALA A 126 -14.10 -19.42 3.86
CA ALA A 126 -14.64 -20.27 4.90
C ALA A 126 -15.06 -21.60 4.28
N ALA A 127 -15.80 -21.53 3.19
CA ALA A 127 -16.26 -22.74 2.52
C ALA A 127 -15.10 -23.58 1.94
N ALA A 128 -14.13 -22.89 1.38
CA ALA A 128 -13.00 -23.56 0.75
C ALA A 128 -11.94 -24.03 1.77
N ALA A 129 -12.11 -23.66 3.05
CA ALA A 129 -11.16 -23.98 4.14
C ALA A 129 -9.78 -23.36 3.92
N THR A 130 -9.77 -22.11 3.42
CA THR A 130 -8.55 -21.33 3.20
C THR A 130 -8.43 -20.11 4.06
N LEU A 131 -9.16 -20.05 5.15
CA LEU A 131 -9.11 -18.88 6.00
C LEU A 131 -7.72 -18.71 6.59
N ALA A 132 -7.36 -17.45 6.82
CA ALA A 132 -6.14 -17.08 7.56
C ALA A 132 -6.63 -16.75 8.98
N PHE A 133 -6.15 -17.53 9.94
CA PHE A 133 -6.33 -17.29 11.36
C PHE A 133 -5.15 -16.54 11.94
N MET A 134 -5.42 -15.43 12.59
CA MET A 134 -4.45 -14.60 13.32
C MET A 134 -4.71 -14.80 14.80
N VAL A 135 -3.78 -15.46 15.47
CA VAL A 135 -3.97 -16.01 16.81
C VAL A 135 -3.23 -15.32 17.91
N GLY A 136 -3.96 -14.96 18.95
CA GLY A 136 -3.36 -14.53 20.21
C GLY A 136 -3.59 -15.49 21.34
N GLY A 137 -2.56 -15.67 22.13
CA GLY A 137 -2.60 -16.55 23.27
C GLY A 137 -1.29 -17.32 23.43
N ASP A 138 -1.33 -18.34 24.27
CA ASP A 138 -0.13 -19.08 24.62
C ASP A 138 0.20 -20.02 23.47
N GLU A 139 1.49 -20.17 23.21
CA GLU A 139 1.97 -21.06 22.16
C GLU A 139 1.48 -22.48 22.40
N SER A 140 1.59 -22.97 23.63
CA SER A 140 1.16 -24.33 23.94
C SER A 140 -0.35 -24.53 23.69
N THR A 141 -1.14 -23.49 23.92
CA THR A 141 -2.61 -23.59 23.67
C THR A 141 -2.86 -23.64 22.18
N LEU A 142 -2.12 -22.80 21.45
CA LEU A 142 -2.24 -22.82 19.93
C LEU A 142 -1.87 -24.23 19.38
N ARG A 143 -0.78 -24.81 19.92
CA ARG A 143 -0.41 -26.19 19.50
C ARG A 143 -1.56 -27.18 19.69
N ARG A 144 -2.21 -27.13 20.85
CA ARG A 144 -3.37 -27.98 21.14
C ARG A 144 -4.51 -27.73 20.19
N ALA A 145 -4.72 -26.45 19.83
CA ALA A 145 -5.79 -26.06 18.91
C ALA A 145 -5.53 -26.38 17.47
N ARG A 146 -4.26 -26.56 17.12
CA ARG A 146 -3.90 -26.61 15.68
C ARG A 146 -4.69 -27.60 14.85
N PRO A 147 -4.87 -28.84 15.35
CA PRO A 147 -5.68 -29.81 14.61
C PRO A 147 -7.13 -29.48 14.41
N VAL A 148 -7.71 -28.61 15.26
CA VAL A 148 -9.02 -28.14 15.03
C VAL A 148 -9.03 -27.02 14.00
N LEU A 149 -8.06 -26.12 14.05
CA LEU A 149 -8.02 -25.02 13.14
C LEU A 149 -7.66 -25.46 11.70
N GLU A 150 -6.73 -26.39 11.61
CA GLU A 150 -6.24 -26.84 10.31
C GLU A 150 -7.32 -27.14 9.28
N PRO A 151 -8.39 -27.92 9.63
CA PRO A 151 -9.38 -28.16 8.57
C PRO A 151 -10.21 -26.96 8.15
N MET A 152 -10.14 -25.88 8.90
CA MET A 152 -10.77 -24.63 8.45
C MET A 152 -9.83 -23.67 7.71
N ALA A 153 -8.53 -23.90 7.75
CA ALA A 153 -7.51 -22.90 7.51
C ALA A 153 -6.58 -23.13 6.30
N GLY A 154 -6.21 -22.05 5.63
CA GLY A 154 -5.06 -22.00 4.70
C GLY A 154 -3.85 -21.45 5.40
N LYS A 155 -4.01 -20.69 6.48
CA LYS A 155 -2.87 -20.09 7.18
C LYS A 155 -3.23 -19.94 8.65
N ILE A 156 -2.26 -20.19 9.53
CA ILE A 156 -2.46 -20.02 10.99
C ILE A 156 -1.22 -19.28 11.47
N ILE A 157 -1.37 -18.08 12.01
CA ILE A 157 -0.24 -17.27 12.44
C ILE A 157 -0.40 -16.90 13.91
N HIS A 158 0.65 -17.20 14.68
CA HIS A 158 0.70 -16.81 16.06
C HIS A 158 1.19 -15.37 16.16
N CYS A 159 0.36 -14.47 16.68
CA CYS A 159 0.62 -13.06 16.68
C CYS A 159 1.19 -12.55 17.95
N GLY A 160 1.06 -13.31 19.03
CA GLY A 160 1.51 -12.91 20.33
C GLY A 160 0.55 -13.38 21.41
N ALA A 161 0.57 -12.66 22.52
CA ALA A 161 -0.25 -13.01 23.71
C ALA A 161 -1.75 -12.61 23.41
N ALA A 162 -2.64 -12.95 24.31
CA ALA A 162 -4.09 -12.77 24.14
C ALA A 162 -4.35 -11.34 23.68
N GLY A 163 -5.14 -11.24 22.67
CA GLY A 163 -5.51 -10.00 22.01
C GLY A 163 -4.66 -9.65 20.77
N ALA A 164 -3.52 -10.31 20.57
CA ALA A 164 -2.61 -10.00 19.45
C ALA A 164 -3.20 -10.37 18.08
N GLY A 165 -4.05 -11.40 18.02
CA GLY A 165 -4.68 -11.75 16.78
C GLY A 165 -5.60 -10.65 16.32
N GLN A 166 -6.50 -10.24 17.22
CA GLN A 166 -7.38 -9.09 16.91
C GLN A 166 -6.55 -7.82 16.53
N ALA A 167 -5.46 -7.57 17.25
CA ALA A 167 -4.67 -6.37 16.98
C ALA A 167 -4.04 -6.44 15.59
N ALA A 168 -3.52 -7.62 15.26
CA ALA A 168 -2.87 -7.79 13.96
C ALA A 168 -3.90 -7.60 12.82
N LYS A 169 -5.05 -8.24 12.97
CA LYS A 169 -6.06 -8.10 11.93
C LYS A 169 -6.54 -6.64 11.81
N VAL A 170 -6.78 -5.97 12.92
CA VAL A 170 -7.26 -4.56 12.86
C VAL A 170 -6.20 -3.61 12.22
N CYS A 171 -4.93 -3.85 12.52
CA CYS A 171 -3.86 -3.05 11.96
C CYS A 171 -3.71 -3.28 10.46
N ASN A 172 -3.67 -4.54 10.02
CA ASN A 172 -3.63 -4.85 8.60
C ASN A 172 -4.81 -4.24 7.87
N ASN A 173 -6.01 -4.38 8.44
CA ASN A 173 -7.16 -3.90 7.71
C ASN A 173 -7.27 -2.37 7.63
N MET A 174 -6.78 -1.69 8.66
CA MET A 174 -6.75 -0.21 8.63
C MET A 174 -5.83 0.24 7.43
N VAL A 175 -4.68 -0.40 7.29
CA VAL A 175 -3.74 -0.13 6.20
C VAL A 175 -4.44 -0.43 4.85
N LEU A 176 -5.12 -1.57 4.77
CA LEU A 176 -5.80 -1.99 3.55
C LEU A 176 -6.83 -0.96 3.10
N ALA A 177 -7.57 -0.41 4.06
CA ALA A 177 -8.61 0.56 3.74
C ALA A 177 -7.97 1.80 3.16
N VAL A 178 -6.90 2.26 3.80
CA VAL A 178 -6.16 3.46 3.32
C VAL A 178 -5.64 3.16 1.90
N GLN A 179 -5.04 2.00 1.72
CA GLN A 179 -4.51 1.62 0.38
C GLN A 179 -5.60 1.55 -0.69
N GLN A 180 -6.78 0.99 -0.35
CA GLN A 180 -7.84 0.89 -1.36
C GLN A 180 -8.36 2.26 -1.79
N ILE A 181 -8.45 3.21 -0.84
CA ILE A 181 -8.83 4.54 -1.21
C ILE A 181 -7.69 5.22 -2.00
N ALA A 182 -6.48 5.09 -1.52
CA ALA A 182 -5.32 5.72 -2.23
C ALA A 182 -5.19 5.26 -3.71
N ILE A 183 -5.40 3.95 -3.97
CA ILE A 183 -5.40 3.39 -5.32
C ILE A 183 -6.54 3.98 -6.13
N ALA A 184 -7.75 4.13 -5.53
CA ALA A 184 -8.81 4.74 -6.25
C ALA A 184 -8.49 6.16 -6.66
N GLU A 185 -7.96 6.96 -5.72
CA GLU A 185 -7.56 8.32 -6.03
C GLU A 185 -6.56 8.37 -7.18
N ALA A 186 -5.58 7.48 -7.14
CA ALA A 186 -4.61 7.42 -8.21
C ALA A 186 -5.23 7.10 -9.59
N PHE A 187 -6.13 6.11 -9.67
CA PHE A 187 -6.80 5.83 -10.94
C PHE A 187 -7.67 6.96 -11.47
N VAL A 188 -8.28 7.71 -10.59
CA VAL A 188 -9.15 8.80 -11.05
C VAL A 188 -8.30 9.98 -11.51
N LEU A 189 -7.24 10.27 -10.75
CA LEU A 189 -6.25 11.31 -11.12
C LEU A 189 -5.61 11.01 -12.49
N ALA A 190 -5.23 9.73 -12.71
CA ALA A 190 -4.58 9.28 -13.91
C ALA A 190 -5.53 9.52 -15.10
N GLU A 191 -6.77 9.12 -14.91
CA GLU A 191 -7.77 9.34 -15.92
C GLU A 191 -7.91 10.82 -16.28
N LYS A 192 -8.01 11.68 -15.28
CA LYS A 192 -8.11 13.12 -15.58
C LYS A 192 -6.86 13.70 -16.24
N LEU A 193 -5.70 13.12 -15.95
CA LEU A 193 -4.47 13.52 -16.59
C LEU A 193 -4.23 12.92 -17.99
N GLY A 194 -5.14 12.09 -18.48
CA GLY A 194 -5.04 11.36 -19.74
C GLY A 194 -4.17 10.12 -19.75
N LEU A 195 -3.82 9.60 -18.58
CA LEU A 195 -3.01 8.38 -18.46
C LEU A 195 -4.00 7.27 -18.36
N SER A 196 -3.91 6.32 -19.30
CA SER A 196 -4.85 5.22 -19.35
C SER A 196 -4.73 4.32 -18.06
N ALA A 197 -5.85 3.68 -17.73
CA ALA A 197 -5.89 2.79 -16.57
C ALA A 197 -4.91 1.64 -16.71
N GLN A 198 -4.80 1.05 -17.89
CA GLN A 198 -3.86 -0.02 -18.12
C GLN A 198 -2.43 0.43 -17.93
N SER A 199 -2.13 1.64 -18.41
N SER A 199 -2.12 1.64 -18.40
CA SER A 199 -0.82 2.25 -18.23
CA SER A 199 -0.79 2.22 -18.21
C SER A 199 -0.46 2.51 -16.77
C SER A 199 -0.46 2.49 -16.75
N LEU A 200 -1.36 3.15 -16.01
CA LEU A 200 -1.11 3.32 -14.60
C LEU A 200 -0.94 1.94 -13.88
N PHE A 201 -1.82 1.00 -14.20
CA PHE A 201 -1.72 -0.34 -13.61
C PHE A 201 -0.35 -0.95 -13.86
N ASP A 202 0.09 -0.92 -15.12
CA ASP A 202 1.42 -1.45 -15.50
C ASP A 202 2.55 -0.80 -14.70
N VAL A 203 2.48 0.52 -14.51
CA VAL A 203 3.54 1.20 -13.78
C VAL A 203 3.46 0.88 -12.30
N ILE A 204 2.27 1.07 -11.70
CA ILE A 204 2.23 0.95 -10.23
C ILE A 204 2.55 -0.50 -9.78
N THR A 205 2.04 -1.46 -10.52
CA THR A 205 2.28 -2.85 -10.18
C THR A 205 3.76 -3.27 -10.36
N GLY A 206 4.53 -2.55 -11.16
CA GLY A 206 5.98 -2.69 -11.24
C GLY A 206 6.78 -1.78 -10.34
N ALA A 207 6.11 -0.96 -9.52
CA ALA A 207 6.82 0.09 -8.75
C ALA A 207 6.54 0.05 -7.27
N THR A 208 6.95 1.08 -6.54
CA THR A 208 6.89 1.06 -5.06
C THR A 208 5.44 1.12 -4.51
N GLY A 209 4.53 1.61 -5.31
CA GLY A 209 3.13 1.73 -4.91
C GLY A 209 2.31 0.45 -4.98
N ASN A 210 2.88 -0.62 -5.52
CA ASN A 210 2.16 -1.89 -5.64
C ASN A 210 1.59 -2.46 -4.33
N CYS A 211 0.37 -2.99 -4.40
CA CYS A 211 -0.28 -3.60 -3.27
C CYS A 211 -1.49 -4.34 -3.79
N TRP A 212 -2.07 -5.20 -2.95
CA TRP A 212 -3.19 -6.06 -3.33
C TRP A 212 -4.38 -5.20 -3.83
N ALA A 213 -4.56 -4.05 -3.22
CA ALA A 213 -5.65 -3.19 -3.61
C ALA A 213 -5.65 -2.83 -5.12
N VAL A 214 -4.46 -2.87 -5.73
CA VAL A 214 -4.38 -2.65 -7.13
C VAL A 214 -4.15 -3.99 -7.87
N HIS A 215 -3.18 -4.81 -7.44
CA HIS A 215 -2.86 -5.99 -8.28
C HIS A 215 -3.96 -7.05 -8.33
N THR A 216 -4.81 -7.06 -7.32
CA THR A 216 -5.89 -8.05 -7.26
C THR A 216 -7.22 -7.36 -7.22
N ASN A 217 -7.32 -6.22 -6.52
CA ASN A 217 -8.63 -5.59 -6.31
C ASN A 217 -8.88 -4.37 -7.17
N CYS A 218 -8.15 -4.23 -8.27
CA CYS A 218 -8.06 -3.02 -9.08
C CYS A 218 -9.48 -2.48 -9.28
N PRO A 219 -9.70 -1.19 -8.93
CA PRO A 219 -11.05 -0.62 -8.86
C PRO A 219 -11.60 -0.07 -10.15
N VAL A 220 -10.87 -0.24 -11.24
CA VAL A 220 -11.34 0.05 -12.59
C VAL A 220 -11.35 -1.22 -13.39
N PRO A 221 -12.36 -1.37 -14.28
CA PRO A 221 -12.48 -2.59 -15.03
C PRO A 221 -11.36 -2.73 -16.12
N GLY A 222 -10.92 -3.93 -16.40
CA GLY A 222 -9.97 -4.20 -17.48
C GLY A 222 -8.69 -4.81 -16.98
N PRO A 223 -7.91 -4.07 -16.20
CA PRO A 223 -6.57 -4.65 -15.95
C PRO A 223 -6.50 -5.95 -15.16
N VAL A 224 -7.47 -6.23 -14.30
CA VAL A 224 -7.49 -7.46 -13.54
C VAL A 224 -8.91 -8.00 -13.72
N PRO A 225 -9.09 -8.88 -14.74
CA PRO A 225 -10.50 -9.20 -15.12
C PRO A 225 -11.36 -9.83 -14.00
N THR A 226 -10.73 -10.44 -13.00
CA THR A 226 -11.45 -10.97 -11.86
C THR A 226 -11.79 -9.94 -10.76
N SER A 227 -11.34 -8.69 -10.85
CA SER A 227 -11.56 -7.78 -9.73
C SER A 227 -13.06 -7.37 -9.69
N PRO A 228 -13.53 -7.01 -8.52
CA PRO A 228 -14.96 -6.68 -8.39
C PRO A 228 -15.48 -5.60 -9.33
N ALA A 229 -14.59 -4.70 -9.72
CA ALA A 229 -14.95 -3.63 -10.71
C ALA A 229 -15.47 -4.15 -12.04
N ASN A 230 -15.10 -5.36 -12.41
CA ASN A 230 -15.57 -6.00 -13.62
C ASN A 230 -16.91 -6.80 -13.42
N ASN A 231 -17.46 -6.80 -12.22
CA ASN A 231 -18.60 -7.63 -11.86
C ASN A 231 -19.57 -6.83 -10.95
N ASP A 232 -19.85 -5.59 -11.33
CA ASP A 232 -20.75 -4.69 -10.61
C ASP A 232 -20.41 -4.49 -9.11
N PHE A 233 -19.13 -4.61 -8.80
CA PHE A 233 -18.58 -4.49 -7.48
C PHE A 233 -19.25 -5.46 -6.46
N LYS A 234 -19.54 -6.68 -6.88
CA LYS A 234 -19.96 -7.75 -5.96
C LYS A 234 -18.80 -8.05 -5.08
N PRO A 235 -19.03 -8.12 -3.78
CA PRO A 235 -17.98 -8.60 -2.89
C PRO A 235 -17.64 -10.06 -3.17
N GLY A 236 -16.41 -10.51 -2.95
CA GLY A 236 -15.27 -9.70 -2.50
C GLY A 236 -15.32 -9.44 -1.03
N PHE A 237 -15.00 -8.23 -0.61
CA PHE A 237 -14.93 -7.82 0.77
C PHE A 237 -15.84 -6.61 0.90
N SER A 238 -17.00 -6.78 1.56
CA SER A 238 -18.04 -5.72 1.51
C SER A 238 -17.61 -4.44 2.25
N THR A 239 -18.15 -3.32 1.82
CA THR A 239 -18.03 -2.05 2.55
C THR A 239 -18.58 -2.17 3.94
N ALA A 240 -19.66 -2.95 4.10
CA ALA A 240 -20.22 -3.16 5.45
C ALA A 240 -19.19 -3.73 6.41
N LEU A 241 -18.49 -4.76 5.96
CA LEU A 241 -17.46 -5.40 6.78
C LEU A 241 -16.21 -4.52 6.98
N MET A 242 -15.83 -3.78 5.93
CA MET A 242 -14.70 -2.91 6.01
C MET A 242 -15.00 -1.80 7.04
N ASN A 243 -16.22 -1.27 6.99
CA ASN A 243 -16.69 -0.25 7.95
C ASN A 243 -16.65 -0.80 9.39
N LYS A 244 -17.13 -2.03 9.54
CA LYS A 244 -17.05 -2.69 10.84
C LYS A 244 -15.61 -2.76 11.38
N ASP A 245 -14.67 -3.24 10.57
CA ASP A 245 -13.30 -3.34 10.98
C ASP A 245 -12.63 -2.02 11.30
N LEU A 246 -12.95 -1.00 10.51
CA LEU A 246 -12.39 0.31 10.79
C LEU A 246 -12.99 0.91 12.06
N GLY A 247 -14.25 0.61 12.34
CA GLY A 247 -14.84 0.99 13.66
C GLY A 247 -13.99 0.43 14.82
N LEU A 248 -13.58 -0.84 14.68
CA LEU A 248 -12.73 -1.48 15.67
C LEU A 248 -11.36 -0.86 15.75
N ALA A 249 -10.85 -0.46 14.57
CA ALA A 249 -9.59 0.24 14.54
C ALA A 249 -9.70 1.59 15.27
N MET A 250 -10.77 2.31 15.04
CA MET A 250 -11.02 3.59 15.78
C MET A 250 -11.20 3.40 17.29
N ASP A 251 -11.86 2.29 17.67
CA ASP A 251 -11.82 1.89 19.13
C ASP A 251 -10.44 1.67 19.67
N ALA A 252 -9.59 0.95 18.96
CA ALA A 252 -8.28 0.76 19.43
C ALA A 252 -7.51 2.10 19.50
N VAL A 253 -7.67 2.95 18.50
CA VAL A 253 -7.01 4.27 18.49
C VAL A 253 -7.47 5.12 19.70
N ALA A 254 -8.76 5.13 19.94
CA ALA A 254 -9.31 5.88 21.13
C ALA A 254 -8.85 5.26 22.46
N ALA A 255 -8.88 3.93 22.58
CA ALA A 255 -8.44 3.31 23.80
C ALA A 255 -6.96 3.60 24.09
N THR A 256 -6.10 3.64 23.08
CA THR A 256 -4.65 3.80 23.31
C THR A 256 -4.15 5.25 23.29
N GLY A 257 -5.01 6.13 22.83
CA GLY A 257 -4.69 7.49 22.44
C GLY A 257 -3.72 7.59 21.30
N ALA A 258 -3.77 6.68 20.34
CA ALA A 258 -2.81 6.73 19.22
C ALA A 258 -3.16 7.86 18.26
N THR A 259 -2.17 8.23 17.46
CA THR A 259 -2.33 9.18 16.39
C THR A 259 -2.40 8.40 15.10
N ALA A 260 -3.54 8.43 14.42
CA ALA A 260 -3.73 7.72 13.14
C ALA A 260 -4.53 8.53 12.14
N PRO A 261 -3.89 9.57 11.57
CA PRO A 261 -4.66 10.45 10.78
C PRO A 261 -5.20 9.89 9.49
N LEU A 262 -4.43 9.11 8.75
CA LEU A 262 -4.97 8.58 7.52
C LEU A 262 -5.95 7.43 7.79
N GLY A 263 -5.59 6.53 8.72
CA GLY A 263 -6.57 5.51 9.10
C GLY A 263 -7.89 6.08 9.59
N SER A 264 -7.85 7.14 10.38
CA SER A 264 -9.09 7.76 10.85
C SER A 264 -9.87 8.44 9.76
N HIS A 265 -9.16 9.00 8.80
CA HIS A 265 -9.74 9.60 7.61
C HIS A 265 -10.43 8.52 6.73
N ALA A 266 -9.74 7.41 6.53
CA ALA A 266 -10.31 6.28 5.81
C ALA A 266 -11.59 5.72 6.48
N ALA A 267 -11.56 5.65 7.80
CA ALA A 267 -12.70 5.24 8.62
C ALA A 267 -13.84 6.21 8.33
N ASP A 268 -13.58 7.51 8.40
N ASP A 268 -13.59 7.50 8.37
CA ASP A 268 -14.64 8.50 8.10
CA ASP A 268 -14.67 8.44 8.07
C ASP A 268 -15.24 8.24 6.72
C ASP A 268 -15.25 8.20 6.70
N ILE A 269 -14.37 8.04 5.71
CA ILE A 269 -14.78 7.84 4.36
C ILE A 269 -15.61 6.56 4.22
N TYR A 270 -15.19 5.49 4.87
CA TYR A 270 -15.93 4.25 4.64
C TYR A 270 -17.30 4.30 5.43
N ALA A 271 -17.35 4.98 6.58
CA ALA A 271 -18.58 5.05 7.37
C ALA A 271 -19.66 5.72 6.56
N LYS A 272 -19.30 6.82 5.90
CA LYS A 272 -20.17 7.56 4.99
C LYS A 272 -20.53 6.75 3.76
N PHE A 273 -19.55 6.05 3.15
CA PHE A 273 -19.86 5.22 1.98
C PHE A 273 -20.82 4.04 2.33
N ALA A 274 -20.67 3.47 3.54
CA ALA A 274 -21.50 2.39 4.02
C ALA A 274 -22.99 2.77 4.22
N ALA A 275 -23.27 4.07 4.31
CA ALA A 275 -24.64 4.55 4.42
C ALA A 275 -25.38 4.36 3.12
N ASP A 276 -24.65 4.32 2.02
CA ASP A 276 -25.22 4.15 0.70
C ASP A 276 -24.94 2.87 -0.07
N HIS A 277 -23.79 2.28 0.16
CA HIS A 277 -23.37 1.18 -0.64
C HIS A 277 -22.72 0.08 0.19
N ALA A 278 -23.35 -0.23 1.28
CA ALA A 278 -22.78 -1.22 2.22
C ALA A 278 -22.57 -2.61 1.60
N ASP A 279 -23.42 -2.96 0.63
CA ASP A 279 -23.34 -4.28 -0.01
C ASP A 279 -22.28 -4.42 -1.10
N LEU A 280 -21.71 -3.30 -1.55
CA LEU A 280 -20.67 -3.34 -2.61
C LEU A 280 -19.34 -3.59 -2.02
N ASP A 281 -18.51 -4.24 -2.80
CA ASP A 281 -17.12 -4.40 -2.47
C ASP A 281 -16.55 -3.04 -2.07
N PHE A 282 -15.70 -3.04 -1.07
CA PHE A 282 -15.02 -1.83 -0.66
C PHE A 282 -14.23 -1.05 -1.71
N SER A 283 -13.84 -1.70 -2.81
CA SER A 283 -13.12 -1.03 -3.86
C SER A 283 -14.04 -0.02 -4.57
N ALA A 284 -15.36 -0.15 -4.39
CA ALA A 284 -16.33 0.76 -5.03
C ALA A 284 -16.24 2.21 -4.50
N VAL A 285 -15.50 2.40 -3.42
CA VAL A 285 -15.18 3.69 -2.88
C VAL A 285 -14.67 4.64 -3.96
N ILE A 286 -14.06 4.11 -5.01
CA ILE A 286 -13.59 4.93 -6.12
C ILE A 286 -14.69 5.83 -6.68
N HIS A 287 -15.96 5.39 -6.60
CA HIS A 287 -17.06 6.19 -7.09
C HIS A 287 -17.66 7.13 -6.06
N THR A 288 -17.08 7.32 -4.90
CA THR A 288 -17.72 8.21 -3.90
C THR A 288 -16.81 9.37 -3.52
N LEU A 289 -15.73 9.51 -4.28
CA LEU A 289 -14.72 10.47 -3.94
C LEU A 289 -15.26 11.89 -4.19
N ARG A 290 -16.19 12.07 -5.12
CA ARG A 290 -16.71 13.42 -5.35
C ARG A 290 -17.77 13.85 -4.32
N ALA A 291 -18.18 12.94 -3.44
CA ALA A 291 -18.94 13.32 -2.23
C ALA A 291 -17.98 14.05 -1.27
N ARG A 292 -16.67 13.74 -1.35
CA ARG A 292 -15.59 14.44 -0.57
C ARG A 292 -15.11 15.83 -1.13
N ALA A 293 -15.48 16.18 -2.37
CA ALA A 293 -15.05 17.43 -3.09
C ALA A 293 -15.24 18.76 -2.32
C MET B 1 24.89 4.61 -30.91
N MET B 2 26.20 4.66 -31.03
CA MET B 2 26.98 5.65 -30.31
C MET B 2 26.62 6.95 -30.93
N THR B 3 26.05 7.82 -30.16
CA THR B 3 25.61 9.14 -30.54
C THR B 3 26.27 10.19 -29.62
N THR B 4 26.18 11.43 -30.03
CA THR B 4 26.60 12.54 -29.25
C THR B 4 25.38 13.06 -28.44
N ILE B 5 25.58 13.15 -27.15
CA ILE B 5 24.57 13.50 -26.18
C ILE B 5 24.98 14.75 -25.44
N ALA B 6 24.13 15.76 -25.46
CA ALA B 6 24.32 16.87 -24.55
C ALA B 6 23.53 16.66 -23.28
N PHE B 7 24.16 16.93 -22.15
CA PHE B 7 23.60 16.59 -20.84
C PHE B 7 23.62 17.83 -20.02
N LEU B 8 22.44 18.37 -19.73
CA LEU B 8 22.26 19.63 -19.06
C LEU B 8 21.69 19.35 -17.67
N GLY B 9 22.47 19.60 -16.63
CA GLY B 9 22.12 19.18 -15.29
C GLY B 9 22.99 18.01 -14.88
N LEU B 10 24.12 18.29 -14.20
CA LEU B 10 25.04 17.26 -13.82
C LEU B 10 25.15 17.11 -12.32
N GLY B 11 24.01 17.08 -11.65
CA GLY B 11 24.00 17.12 -10.21
C GLY B 11 23.94 15.73 -9.64
N ASN B 12 23.24 15.54 -8.54
CA ASN B 12 23.20 14.26 -7.86
C ASN B 12 22.79 13.10 -8.76
N MET B 13 21.79 13.34 -9.59
CA MET B 13 21.40 12.38 -10.55
C MET B 13 22.13 12.49 -11.88
N GLY B 14 22.24 13.70 -12.45
CA GLY B 14 22.86 13.84 -13.75
C GLY B 14 24.31 13.40 -13.86
N ALA B 15 25.11 13.58 -12.76
CA ALA B 15 26.50 13.16 -12.75
C ALA B 15 26.60 11.67 -12.96
N PRO B 16 25.97 10.85 -12.11
CA PRO B 16 26.17 9.38 -12.39
C PRO B 16 25.49 8.87 -13.67
N MET B 17 24.35 9.49 -14.03
CA MET B 17 23.72 9.20 -15.35
C MET B 17 24.72 9.45 -16.48
N SER B 18 25.31 10.63 -16.50
CA SER B 18 26.24 11.00 -17.56
C SER B 18 27.44 10.08 -17.58
N ALA B 19 27.91 9.71 -16.43
CA ALA B 19 29.06 8.80 -16.36
C ALA B 19 28.81 7.47 -17.03
N ASN B 20 27.61 6.90 -16.82
CA ASN B 20 27.20 5.69 -17.50
C ASN B 20 27.12 5.82 -19.01
N LEU B 21 26.65 6.98 -19.50
CA LEU B 21 26.65 7.24 -20.91
C LEU B 21 28.10 7.25 -21.49
N VAL B 22 29.02 7.91 -20.80
CA VAL B 22 30.42 7.96 -21.22
C VAL B 22 30.95 6.53 -21.23
N GLY B 23 30.70 5.77 -20.17
CA GLY B 23 31.13 4.35 -20.08
C GLY B 23 30.65 3.45 -21.21
N ALA B 24 29.46 3.77 -21.77
CA ALA B 24 28.87 3.03 -22.84
C ALA B 24 29.39 3.43 -24.21
N GLY B 25 30.21 4.49 -24.28
CA GLY B 25 30.92 4.88 -25.50
C GLY B 25 30.29 6.10 -26.14
N HIS B 26 29.28 6.72 -25.51
CA HIS B 26 28.76 7.98 -26.05
C HIS B 26 29.71 9.16 -25.81
N VAL B 27 29.72 10.11 -26.71
CA VAL B 27 30.38 11.37 -26.50
C VAL B 27 29.33 12.21 -25.74
N VAL B 28 29.68 12.68 -24.53
CA VAL B 28 28.74 13.44 -23.73
C VAL B 28 29.22 14.90 -23.56
N ARG B 29 28.44 15.84 -24.03
CA ARG B 29 28.73 17.24 -23.95
C ARG B 29 27.93 17.84 -22.80
N GLY B 30 28.58 18.22 -21.71
CA GLY B 30 27.86 18.58 -20.48
C GLY B 30 27.82 20.10 -20.27
N PHE B 31 26.79 20.55 -19.60
CA PHE B 31 26.79 21.86 -19.06
C PHE B 31 26.05 21.82 -17.72
N ASP B 32 26.57 22.59 -16.76
CA ASP B 32 25.90 22.81 -15.51
C ASP B 32 26.46 24.09 -14.97
N PRO B 33 25.64 25.07 -14.60
CA PRO B 33 26.17 26.38 -14.10
C PRO B 33 26.87 26.31 -12.69
N ALA B 34 26.74 25.21 -11.96
CA ALA B 34 27.44 24.95 -10.75
C ALA B 34 28.77 24.29 -11.08
N PRO B 35 29.86 25.06 -10.99
CA PRO B 35 31.16 24.51 -11.45
C PRO B 35 31.58 23.29 -10.70
N THR B 36 31.12 23.11 -9.48
CA THR B 36 31.45 21.85 -8.75
C THR B 36 30.86 20.59 -9.44
N ALA B 37 29.63 20.70 -9.87
CA ALA B 37 28.94 19.68 -10.62
C ALA B 37 29.67 19.38 -11.90
N ALA B 38 29.97 20.42 -12.65
CA ALA B 38 30.62 20.29 -13.95
C ALA B 38 31.99 19.68 -13.80
N SER B 39 32.71 20.06 -12.74
CA SER B 39 34.06 19.50 -12.54
C SER B 39 34.03 18.00 -12.30
N GLY B 40 33.11 17.57 -11.46
CA GLY B 40 32.91 16.11 -11.15
C GLY B 40 32.56 15.29 -12.41
N ALA B 41 31.69 15.86 -13.23
CA ALA B 41 31.30 15.24 -14.48
C ALA B 41 32.49 15.15 -15.44
N ALA B 42 33.23 16.23 -15.60
CA ALA B 42 34.47 16.20 -16.38
C ALA B 42 35.44 15.09 -15.96
N ALA B 43 35.57 14.88 -14.67
CA ALA B 43 36.46 13.83 -14.10
C ALA B 43 36.11 12.43 -14.60
N HIS B 44 34.85 12.20 -14.91
N HIS B 44 34.84 12.17 -14.87
CA HIS B 44 34.38 10.95 -15.45
CA HIS B 44 34.39 10.91 -15.44
C HIS B 44 34.19 10.93 -16.98
C HIS B 44 34.26 10.87 -16.99
N GLY B 45 34.73 11.91 -17.68
CA GLY B 45 34.82 11.94 -19.14
C GLY B 45 33.80 12.75 -19.92
N VAL B 46 32.96 13.52 -19.23
CA VAL B 46 32.04 14.41 -19.89
C VAL B 46 32.89 15.60 -20.41
N ALA B 47 32.67 16.02 -21.64
CA ALA B 47 33.27 17.25 -22.13
C ALA B 47 32.38 18.39 -21.68
N VAL B 48 32.93 19.23 -20.84
CA VAL B 48 32.17 20.33 -20.26
C VAL B 48 32.32 21.59 -21.13
N PHE B 49 31.20 22.26 -21.37
CA PHE B 49 31.14 23.49 -22.15
C PHE B 49 30.81 24.71 -21.28
N ARG B 50 31.07 25.88 -21.87
CA ARG B 50 30.97 27.14 -21.20
C ARG B 50 29.50 27.60 -21.09
N SER B 51 28.64 27.06 -21.97
CA SER B 51 27.24 27.44 -21.99
C SER B 51 26.39 26.31 -22.54
N ALA B 52 25.14 26.33 -22.15
CA ALA B 52 24.22 25.25 -22.58
C ALA B 52 24.03 25.29 -24.08
N PRO B 53 23.89 26.48 -24.66
CA PRO B 53 23.81 26.55 -26.12
C PRO B 53 24.97 25.97 -26.81
N GLU B 54 26.15 26.16 -26.28
CA GLU B 54 27.27 25.52 -26.90
C GLU B 54 27.29 24.02 -26.75
N ALA B 55 26.84 23.52 -25.61
CA ALA B 55 26.82 22.04 -25.43
C ALA B 55 25.83 21.40 -26.40
N VAL B 56 24.67 22.05 -26.64
CA VAL B 56 23.63 21.40 -27.49
C VAL B 56 23.90 21.53 -29.00
N ALA B 57 24.84 22.41 -29.38
CA ALA B 57 25.00 22.82 -30.77
C ALA B 57 25.28 21.69 -31.74
N GLU B 58 26.02 20.70 -31.30
CA GLU B 58 26.34 19.55 -32.12
C GLU B 58 26.02 18.27 -31.36
N ALA B 59 24.78 18.14 -30.91
CA ALA B 59 24.30 16.95 -30.18
C ALA B 59 23.14 16.31 -30.98
N ASP B 60 23.12 14.99 -31.04
CA ASP B 60 22.00 14.22 -31.61
C ASP B 60 20.85 14.18 -30.57
N VAL B 61 21.25 14.16 -29.31
CA VAL B 61 20.30 14.03 -28.17
C VAL B 61 20.65 15.05 -27.12
N VAL B 62 19.63 15.59 -26.44
CA VAL B 62 19.83 16.50 -25.35
C VAL B 62 19.02 15.97 -24.16
N ILE B 63 19.71 15.66 -23.08
CA ILE B 63 19.05 15.24 -21.87
C ILE B 63 19.10 16.37 -20.86
N THR B 64 17.96 16.66 -20.22
CA THR B 64 17.90 17.56 -19.07
C THR B 64 17.57 16.78 -17.80
N MET B 65 18.30 17.11 -16.74
CA MET B 65 18.11 16.51 -15.41
C MET B 65 18.20 17.63 -14.39
N LEU B 66 17.06 18.37 -14.30
CA LEU B 66 17.01 19.67 -13.67
C LEU B 66 16.05 19.75 -12.50
N PRO B 67 16.21 20.77 -11.63
CA PRO B 67 15.43 20.77 -10.38
C PRO B 67 13.93 20.98 -10.47
N THR B 68 13.46 21.85 -11.37
CA THR B 68 12.07 22.25 -11.43
C THR B 68 11.59 22.48 -12.81
N GLY B 69 10.27 22.53 -12.96
CA GLY B 69 9.64 22.84 -14.20
C GLY B 69 10.05 24.21 -14.72
N GLU B 70 10.15 25.19 -13.82
CA GLU B 70 10.62 26.53 -14.23
C GLU B 70 12.03 26.51 -14.83
N VAL B 71 12.93 25.77 -14.19
CA VAL B 71 14.28 25.68 -14.66
C VAL B 71 14.31 24.95 -16.03
N VAL B 72 13.50 23.91 -16.20
CA VAL B 72 13.37 23.25 -17.50
C VAL B 72 12.90 24.23 -18.61
N ARG B 73 11.86 24.99 -18.28
CA ARG B 73 11.28 25.94 -19.20
C ARG B 73 12.30 26.98 -19.63
N ARG B 74 13.05 27.49 -18.67
CA ARG B 74 14.09 28.49 -18.98
C ARG B 74 15.24 27.89 -19.80
N CYS B 75 15.70 26.73 -19.43
CA CYS B 75 16.71 25.96 -20.19
C CYS B 75 16.27 25.76 -21.66
N TYR B 76 15.05 25.26 -21.88
CA TYR B 76 14.52 25.07 -23.22
C TYR B 76 14.48 26.38 -24.02
N THR B 77 13.99 27.43 -23.39
CA THR B 77 13.96 28.75 -24.02
C THR B 77 15.34 29.19 -24.40
N ASP B 78 16.35 28.88 -23.59
N ASP B 78 16.33 28.86 -23.59
CA ASP B 78 17.71 29.28 -23.88
CA ASP B 78 17.70 29.25 -23.81
C ASP B 78 18.38 28.47 -24.96
C ASP B 78 18.41 28.45 -24.90
N VAL B 79 18.06 27.18 -25.08
CA VAL B 79 18.84 26.26 -25.91
C VAL B 79 18.17 25.73 -27.16
N LEU B 80 16.84 25.74 -27.24
CA LEU B 80 16.18 25.08 -28.39
C LEU B 80 16.66 25.60 -29.75
N ALA B 81 16.76 26.92 -29.91
CA ALA B 81 17.22 27.53 -31.18
C ALA B 81 18.68 27.22 -31.47
N ALA B 82 19.46 26.84 -30.46
CA ALA B 82 20.86 26.47 -30.68
C ALA B 82 21.01 25.07 -31.24
N ALA B 83 20.00 24.21 -31.04
CA ALA B 83 20.17 22.81 -31.35
C ALA B 83 19.90 22.62 -32.87
N ARG B 84 20.47 21.54 -33.42
CA ARG B 84 20.19 21.15 -34.79
C ARG B 84 18.73 20.72 -34.94
N PRO B 85 18.08 21.09 -36.07
CA PRO B 85 16.74 20.60 -36.30
C PRO B 85 16.61 19.09 -36.19
N ALA B 86 15.53 18.68 -35.55
CA ALA B 86 15.21 17.30 -35.30
C ALA B 86 16.15 16.56 -34.31
N THR B 87 16.77 17.34 -33.45
CA THR B 87 17.44 16.80 -32.27
C THR B 87 16.40 16.26 -31.27
N LEU B 88 16.75 15.14 -30.62
CA LEU B 88 15.86 14.48 -29.64
C LEU B 88 16.14 15.01 -28.23
N PHE B 89 15.17 15.71 -27.65
CA PHE B 89 15.24 16.21 -26.25
C PHE B 89 14.56 15.20 -25.34
N ILE B 90 15.26 14.78 -24.30
CA ILE B 90 14.67 13.94 -23.25
C ILE B 90 14.77 14.69 -21.92
N ASP B 91 13.63 14.99 -21.34
CA ASP B 91 13.62 15.61 -20.01
C ASP B 91 13.38 14.53 -18.95
N SER B 92 14.39 14.22 -18.16
CA SER B 92 14.30 13.24 -17.06
C SER B 92 14.12 13.90 -15.69
N SER B 93 14.01 15.24 -15.64
CA SER B 93 13.53 15.94 -14.44
C SER B 93 12.14 15.45 -14.02
N THR B 94 11.85 15.61 -12.74
CA THR B 94 10.53 15.50 -12.22
C THR B 94 9.88 16.88 -12.14
N ILE B 95 8.89 17.07 -12.98
CA ILE B 95 8.16 18.30 -13.08
C ILE B 95 6.65 18.02 -13.26
N SER B 96 5.85 19.07 -13.14
CA SER B 96 4.41 18.91 -13.23
C SER B 96 3.94 18.43 -14.61
N VAL B 97 2.82 17.75 -14.66
CA VAL B 97 2.29 17.31 -15.95
C VAL B 97 2.03 18.54 -16.84
N THR B 98 1.51 19.60 -16.24
CA THR B 98 1.25 20.83 -17.00
C THR B 98 2.56 21.38 -17.61
N ASP B 99 3.59 21.49 -16.77
CA ASP B 99 4.88 22.02 -17.22
C ASP B 99 5.48 21.08 -18.29
N ALA B 100 5.38 19.77 -18.08
CA ALA B 100 5.90 18.83 -19.11
C ALA B 100 5.23 19.01 -20.50
N ARG B 101 3.92 19.20 -20.47
CA ARG B 101 3.14 19.39 -21.69
C ARG B 101 3.52 20.71 -22.37
N GLU B 102 3.79 21.72 -21.57
CA GLU B 102 4.16 23.01 -22.10
C GLU B 102 5.55 22.90 -22.73
N VAL B 103 6.51 22.28 -22.05
CA VAL B 103 7.87 22.22 -22.62
C VAL B 103 8.00 21.27 -23.81
N HIS B 104 7.20 20.25 -23.81
CA HIS B 104 7.07 19.38 -24.95
C HIS B 104 6.61 20.14 -26.19
N ALA B 105 5.56 20.92 -26.06
CA ALA B 105 5.03 21.70 -27.17
C ALA B 105 6.04 22.73 -27.65
N LEU B 106 6.70 23.35 -26.68
CA LEU B 106 7.77 24.30 -26.98
C LEU B 106 8.90 23.67 -27.80
N ALA B 107 9.34 22.50 -27.40
CA ALA B 107 10.38 21.77 -28.13
C ALA B 107 9.95 21.45 -29.58
N GLU B 108 8.72 20.93 -29.71
CA GLU B 108 8.18 20.61 -30.98
C GLU B 108 7.96 21.82 -31.90
N SER B 109 7.65 22.97 -31.31
CA SER B 109 7.41 24.15 -32.14
C SER B 109 8.76 24.62 -32.68
N HIS B 110 9.83 24.19 -32.05
CA HIS B 110 11.18 24.50 -32.52
C HIS B 110 11.74 23.40 -33.44
N GLY B 111 10.96 22.39 -33.78
CA GLY B 111 11.35 21.34 -34.68
C GLY B 111 12.12 20.21 -34.03
N MET B 112 12.02 20.08 -32.70
CA MET B 112 12.73 19.04 -31.95
C MET B 112 11.77 17.93 -31.50
N LEU B 113 12.27 16.72 -31.48
CA LEU B 113 11.56 15.62 -30.86
C LEU B 113 11.68 15.79 -29.36
N GLN B 114 10.70 15.33 -28.62
CA GLN B 114 10.80 15.44 -27.17
C GLN B 114 10.03 14.36 -26.42
N LEU B 115 10.64 13.83 -25.40
CA LEU B 115 10.04 12.94 -24.41
C LEU B 115 10.15 13.46 -23.01
N ASP B 116 9.13 13.17 -22.17
CA ASP B 116 9.31 13.18 -20.74
C ASP B 116 9.70 11.81 -20.32
N ALA B 117 10.78 11.69 -19.57
CA ALA B 117 11.25 10.40 -19.03
C ALA B 117 11.78 10.51 -17.61
N PRO B 118 10.90 10.92 -16.65
CA PRO B 118 11.35 10.97 -15.30
C PRO B 118 11.65 9.57 -14.77
N VAL B 119 12.43 9.53 -13.71
CA VAL B 119 12.92 8.31 -13.21
C VAL B 119 12.65 8.05 -11.74
N SER B 120 12.81 6.78 -11.36
N SER B 120 12.74 6.76 -11.36
CA SER B 120 12.85 6.36 -9.99
CA SER B 120 12.82 6.34 -9.99
C SER B 120 14.09 5.52 -9.78
C SER B 120 14.11 5.56 -9.80
N GLY B 121 14.62 5.59 -8.56
CA GLY B 121 15.76 4.77 -8.14
C GLY B 121 16.79 5.52 -7.35
N GLY B 122 16.69 6.87 -7.34
CA GLY B 122 17.65 7.71 -6.65
C GLY B 122 19.08 7.64 -7.16
N VAL B 123 19.98 8.17 -6.37
CA VAL B 123 21.37 8.21 -6.74
C VAL B 123 22.02 6.83 -6.88
N LYS B 124 21.61 5.90 -6.04
CA LYS B 124 22.13 4.54 -6.06
C LYS B 124 21.71 3.88 -7.34
N GLY B 125 20.44 4.05 -7.69
CA GLY B 125 19.96 3.52 -8.93
C GLY B 125 20.67 4.16 -10.15
N ALA B 126 20.92 5.45 -10.03
CA ALA B 126 21.56 6.17 -11.09
C ALA B 126 22.97 5.65 -11.32
N ALA B 127 23.71 5.51 -10.24
CA ALA B 127 25.08 4.98 -10.37
C ALA B 127 25.13 3.57 -10.91
N ALA B 128 24.21 2.69 -10.46
CA ALA B 128 24.20 1.30 -10.89
C ALA B 128 23.54 1.09 -12.24
N ALA B 129 22.99 2.15 -12.85
CA ALA B 129 22.28 2.06 -14.11
C ALA B 129 21.05 1.12 -13.99
N THR B 130 20.33 1.22 -12.88
CA THR B 130 19.11 0.44 -12.64
C THR B 130 17.90 1.34 -12.46
N LEU B 131 17.96 2.58 -12.95
CA LEU B 131 16.79 3.46 -12.87
C LEU B 131 15.60 2.93 -13.63
N ALA B 132 14.42 3.30 -13.17
CA ALA B 132 13.25 3.12 -13.98
C ALA B 132 12.90 4.42 -14.70
N PHE B 133 12.75 4.37 -16.03
CA PHE B 133 12.32 5.50 -16.85
C PHE B 133 10.87 5.31 -17.22
N MET B 134 10.03 6.30 -16.85
CA MET B 134 8.60 6.30 -17.17
C MET B 134 8.41 7.36 -18.24
N VAL B 135 8.11 6.94 -19.45
CA VAL B 135 8.22 7.78 -20.65
C VAL B 135 6.89 8.20 -21.19
N GLY B 136 6.79 9.48 -21.50
CA GLY B 136 5.66 9.99 -22.24
C GLY B 136 6.12 10.56 -23.55
N GLY B 137 5.32 10.37 -24.59
CA GLY B 137 5.61 10.80 -25.94
C GLY B 137 5.29 9.74 -26.98
N ASP B 138 5.74 10.00 -28.19
CA ASP B 138 5.49 9.07 -29.31
C ASP B 138 6.27 7.80 -29.24
N GLU B 139 5.67 6.70 -29.63
CA GLU B 139 6.33 5.41 -29.61
C GLU B 139 7.58 5.36 -30.51
N SER B 140 7.50 6.01 -31.65
CA SER B 140 8.63 6.05 -32.56
C SER B 140 9.82 6.84 -31.98
N THR B 141 9.55 7.98 -31.36
CA THR B 141 10.58 8.73 -30.64
C THR B 141 11.21 7.92 -29.49
N LEU B 142 10.41 7.16 -28.74
CA LEU B 142 10.99 6.26 -27.73
C LEU B 142 11.89 5.19 -28.39
N ARG B 143 11.44 4.65 -29.52
CA ARG B 143 12.28 3.74 -30.29
C ARG B 143 13.64 4.37 -30.62
N ARG B 144 13.64 5.64 -31.03
CA ARG B 144 14.89 6.34 -31.31
C ARG B 144 15.72 6.59 -30.04
N ALA B 145 15.06 6.83 -28.91
CA ALA B 145 15.72 7.08 -27.64
C ALA B 145 16.25 5.86 -26.95
N ARG B 146 15.70 4.69 -27.24
CA ARG B 146 15.99 3.52 -26.42
C ARG B 146 17.46 3.20 -26.22
N PRO B 147 18.26 3.22 -27.31
CA PRO B 147 19.70 2.99 -27.14
C PRO B 147 20.45 3.97 -26.21
N VAL B 148 19.98 5.21 -26.07
CA VAL B 148 20.48 6.16 -25.09
C VAL B 148 20.00 5.90 -23.67
N LEU B 149 18.73 5.56 -23.49
CA LEU B 149 18.21 5.24 -22.18
C LEU B 149 18.80 3.93 -21.59
N GLU B 150 19.03 2.93 -22.44
CA GLU B 150 19.46 1.63 -21.95
C GLU B 150 20.65 1.63 -21.02
N PRO B 151 21.78 2.29 -21.36
CA PRO B 151 22.90 2.27 -20.44
C PRO B 151 22.73 3.00 -19.14
N MET B 152 21.59 3.67 -18.95
CA MET B 152 21.20 4.23 -17.64
C MET B 152 20.12 3.49 -16.85
N ALA B 153 19.47 2.48 -17.44
CA ALA B 153 18.20 1.98 -17.04
C ALA B 153 18.19 0.55 -16.62
N GLY B 154 17.38 0.25 -15.63
CA GLY B 154 16.98 -1.13 -15.43
C GLY B 154 15.61 -1.41 -16.06
N LYS B 155 14.74 -0.40 -16.22
CA LYS B 155 13.41 -0.58 -16.79
C LYS B 155 13.07 0.72 -17.59
N ILE B 156 12.44 0.53 -18.73
CA ILE B 156 11.91 1.61 -19.58
C ILE B 156 10.46 1.25 -19.83
N ILE B 157 9.53 2.09 -19.41
CA ILE B 157 8.13 1.82 -19.64
C ILE B 157 7.48 2.98 -20.31
N HIS B 158 6.85 2.73 -21.43
CA HIS B 158 6.10 3.70 -22.17
C HIS B 158 4.72 3.92 -21.54
N CYS B 159 4.45 5.13 -21.07
CA CYS B 159 3.26 5.39 -20.27
C CYS B 159 2.11 5.99 -21.05
N GLY B 160 2.37 6.57 -22.23
CA GLY B 160 1.37 7.23 -23.04
C GLY B 160 1.98 8.43 -23.75
N ALA B 161 1.12 9.34 -24.15
CA ALA B 161 1.51 10.61 -24.82
C ALA B 161 2.25 11.55 -23.91
N ALA B 162 2.77 12.67 -24.47
CA ALA B 162 3.56 13.58 -23.69
C ALA B 162 2.90 13.95 -22.37
N GLY B 163 3.70 13.93 -21.30
CA GLY B 163 3.24 14.14 -19.96
C GLY B 163 2.87 12.90 -19.15
N ALA B 164 2.66 11.78 -19.81
CA ALA B 164 2.22 10.51 -19.16
C ALA B 164 3.30 9.90 -18.29
N GLY B 165 4.56 10.18 -18.58
CA GLY B 165 5.60 9.71 -17.73
C GLY B 165 5.57 10.44 -16.40
N GLN B 166 5.50 11.75 -16.46
CA GLN B 166 5.32 12.53 -15.26
C GLN B 166 4.07 12.11 -14.50
N ALA B 167 2.97 11.95 -15.22
CA ALA B 167 1.71 11.53 -14.60
C ALA B 167 1.81 10.18 -13.86
N ALA B 168 2.46 9.22 -14.50
CA ALA B 168 2.54 7.89 -13.87
C ALA B 168 3.38 7.96 -12.62
N LYS B 169 4.50 8.70 -12.71
CA LYS B 169 5.38 8.83 -11.56
C LYS B 169 4.68 9.50 -10.35
N VAL B 170 4.02 10.59 -10.61
CA VAL B 170 3.36 11.36 -9.59
C VAL B 170 2.21 10.57 -8.99
N CYS B 171 1.48 9.79 -9.79
CA CYS B 171 0.42 8.92 -9.22
C CYS B 171 1.00 7.87 -8.31
N ASN B 172 2.03 7.20 -8.78
CA ASN B 172 2.70 6.17 -7.94
C ASN B 172 3.20 6.79 -6.67
N ASN B 173 3.85 7.96 -6.75
CA ASN B 173 4.47 8.52 -5.56
C ASN B 173 3.47 9.03 -4.51
N MET B 174 2.36 9.55 -4.96
CA MET B 174 1.24 9.90 -4.07
C MET B 174 0.76 8.68 -3.26
N VAL B 175 0.53 7.60 -3.96
CA VAL B 175 0.17 6.31 -3.33
C VAL B 175 1.25 5.87 -2.32
N LEU B 176 2.53 5.97 -2.70
CA LEU B 176 3.62 5.62 -1.85
C LEU B 176 3.67 6.43 -0.56
N ALA B 177 3.42 7.74 -0.65
CA ALA B 177 3.39 8.59 0.52
C ALA B 177 2.28 8.21 1.48
N VAL B 178 1.08 7.99 0.94
CA VAL B 178 -0.06 7.51 1.71
C VAL B 178 0.27 6.19 2.41
N GLN B 179 0.88 5.26 1.69
CA GLN B 179 1.25 3.93 2.27
C GLN B 179 2.28 4.05 3.35
N GLN B 180 3.24 4.92 3.15
CA GLN B 180 4.33 5.06 4.16
C GLN B 180 3.80 5.61 5.49
N ILE B 181 2.91 6.55 5.39
CA ILE B 181 2.25 7.09 6.62
C ILE B 181 1.37 6.01 7.26
N ALA B 182 0.54 5.32 6.43
CA ALA B 182 -0.36 4.27 6.94
C ALA B 182 0.37 3.17 7.64
N ILE B 183 1.48 2.72 7.08
CA ILE B 183 2.31 1.73 7.67
C ILE B 183 2.87 2.23 8.98
N ALA B 184 3.28 3.50 9.02
CA ALA B 184 3.78 4.07 10.23
C ALA B 184 2.68 4.09 11.34
N GLU B 185 1.45 4.47 10.96
CA GLU B 185 0.35 4.51 11.88
C GLU B 185 0.05 3.13 12.46
N ALA B 186 0.13 2.11 11.63
CA ALA B 186 -0.07 0.73 12.06
C ALA B 186 0.99 0.26 13.05
N PHE B 187 2.29 0.49 12.77
CA PHE B 187 3.32 0.13 13.72
C PHE B 187 3.22 0.84 15.09
N VAL B 188 2.78 2.10 15.11
CA VAL B 188 2.69 2.80 16.37
C VAL B 188 1.46 2.32 17.14
N LEU B 189 0.35 2.09 16.45
CA LEU B 189 -0.87 1.52 17.07
C LEU B 189 -0.55 0.14 17.65
N ALA B 190 0.17 -0.68 16.90
CA ALA B 190 0.58 -2.02 17.35
C ALA B 190 1.37 -1.92 18.63
N GLU B 191 2.33 -1.06 18.65
CA GLU B 191 3.14 -0.83 19.87
C GLU B 191 2.26 -0.48 21.07
N LYS B 192 1.31 0.42 20.91
CA LYS B 192 0.45 0.82 21.98
C LYS B 192 -0.50 -0.29 22.42
N LEU B 193 -0.89 -1.17 21.50
CA LEU B 193 -1.73 -2.32 21.80
C LEU B 193 -0.91 -3.47 22.38
N GLY B 194 0.40 -3.35 22.51
CA GLY B 194 1.25 -4.47 22.90
C GLY B 194 1.49 -5.55 21.86
N LEU B 195 1.27 -5.27 20.58
CA LEU B 195 1.59 -6.22 19.50
C LEU B 195 3.04 -5.89 19.01
N SER B 196 3.92 -6.88 18.99
CA SER B 196 5.31 -6.63 18.65
C SER B 196 5.47 -6.21 17.18
N ALA B 197 6.53 -5.44 16.92
CA ALA B 197 6.79 -4.93 15.61
C ALA B 197 7.10 -6.10 14.71
N GLN B 198 7.87 -7.07 15.19
CA GLN B 198 8.14 -8.23 14.32
C GLN B 198 6.84 -8.95 13.95
N SER B 199 5.95 -9.10 14.94
N SER B 199 5.95 -9.10 14.92
CA SER B 199 4.69 -9.78 14.73
CA SER B 199 4.72 -9.82 14.68
C SER B 199 3.82 -9.04 13.70
C SER B 199 3.78 -9.05 13.73
N LEU B 200 3.72 -7.74 13.83
CA LEU B 200 2.89 -6.94 12.88
C LEU B 200 3.51 -7.04 11.49
N PHE B 201 4.84 -6.94 11.43
CA PHE B 201 5.55 -7.08 10.14
C PHE B 201 5.23 -8.37 9.45
N ASP B 202 5.38 -9.46 10.17
CA ASP B 202 5.09 -10.80 9.64
C ASP B 202 3.65 -10.89 9.15
N VAL B 203 2.73 -10.30 9.89
CA VAL B 203 1.33 -10.40 9.47
C VAL B 203 1.03 -9.63 8.19
N ILE B 204 1.35 -8.34 8.22
CA ILE B 204 1.03 -7.45 7.13
C ILE B 204 1.73 -7.90 5.87
N THR B 205 3.00 -8.21 5.99
CA THR B 205 3.74 -8.69 4.78
C THR B 205 3.23 -10.01 4.19
N GLY B 206 2.50 -10.81 4.98
CA GLY B 206 1.92 -12.07 4.48
C GLY B 206 0.44 -11.87 4.17
N ALA B 207 -0.07 -10.62 4.23
CA ALA B 207 -1.48 -10.37 4.10
C ALA B 207 -1.76 -9.28 3.05
N THR B 208 -3.00 -8.79 3.01
CA THR B 208 -3.35 -7.84 1.95
C THR B 208 -2.72 -6.44 2.07
N GLY B 209 -2.26 -6.10 3.26
CA GLY B 209 -1.64 -4.82 3.43
C GLY B 209 -0.21 -4.70 2.97
N ASN B 210 0.42 -5.78 2.52
CA ASN B 210 1.81 -5.70 2.15
C ASN B 210 2.10 -4.65 1.07
N CYS B 211 3.27 -4.01 1.18
CA CYS B 211 3.71 -3.01 0.19
C CYS B 211 5.12 -2.68 0.52
N TRP B 212 5.78 -2.04 -0.43
CA TRP B 212 7.20 -1.63 -0.27
C TRP B 212 7.52 -0.81 0.98
N ALA B 213 6.56 0.02 1.36
CA ALA B 213 6.70 0.88 2.54
C ALA B 213 6.93 0.07 3.80
N VAL B 214 6.43 -1.17 3.81
CA VAL B 214 6.73 -2.06 4.93
C VAL B 214 7.81 -3.05 4.58
N HIS B 215 7.65 -3.77 3.46
CA HIS B 215 8.59 -4.86 3.22
C HIS B 215 10.01 -4.45 2.94
N THR B 216 10.19 -3.27 2.41
CA THR B 216 11.52 -2.75 2.12
C THR B 216 11.88 -1.56 3.02
N ASN B 217 10.90 -0.70 3.33
CA ASN B 217 11.15 0.60 3.99
C ASN B 217 10.67 0.64 5.43
N CYS B 218 10.48 -0.58 6.01
CA CYS B 218 9.95 -0.75 7.38
C CYS B 218 10.40 0.35 8.34
N PRO B 219 9.45 1.13 8.82
CA PRO B 219 9.83 2.31 9.58
C PRO B 219 10.19 2.12 11.08
N VAL B 220 10.38 0.87 11.50
CA VAL B 220 10.82 0.53 12.87
C VAL B 220 12.03 -0.32 12.64
N PRO B 221 13.04 -0.18 13.51
CA PRO B 221 14.25 -0.94 13.36
C PRO B 221 14.01 -2.37 13.72
N GLY B 222 14.59 -3.26 12.97
CA GLY B 222 14.60 -4.69 13.37
C GLY B 222 14.16 -5.60 12.27
N PRO B 223 12.91 -5.51 11.85
CA PRO B 223 12.43 -6.54 10.90
C PRO B 223 13.07 -6.54 9.54
N VAL B 224 13.50 -5.36 9.07
CA VAL B 224 14.19 -5.22 7.75
C VAL B 224 15.48 -4.45 8.03
N PRO B 225 16.55 -5.16 8.33
CA PRO B 225 17.75 -4.49 8.81
C PRO B 225 18.38 -3.48 7.80
N THR B 226 18.07 -3.61 6.52
CA THR B 226 18.50 -2.71 5.50
C THR B 226 17.64 -1.42 5.38
N SER B 227 16.52 -1.33 6.07
CA SER B 227 15.65 -0.16 5.93
C SER B 227 16.30 1.02 6.68
N PRO B 228 15.94 2.27 6.31
CA PRO B 228 16.52 3.49 6.90
C PRO B 228 16.35 3.61 8.42
N ALA B 229 15.28 3.02 8.95
CA ALA B 229 15.02 3.04 10.39
C ALA B 229 16.19 2.47 11.19
N ASN B 230 16.95 1.61 10.55
CA ASN B 230 18.09 1.00 11.18
C ASN B 230 19.40 1.84 11.00
N ASN B 231 19.33 2.92 10.24
CA ASN B 231 20.51 3.75 9.95
C ASN B 231 20.15 5.19 10.20
N ASP B 232 19.56 5.46 11.34
CA ASP B 232 19.20 6.83 11.73
C ASP B 232 18.31 7.57 10.78
N PHE B 233 17.50 6.83 10.04
CA PHE B 233 16.68 7.41 8.99
C PHE B 233 17.43 8.23 7.93
N LYS B 234 18.65 7.83 7.63
CA LYS B 234 19.39 8.42 6.52
C LYS B 234 18.69 8.00 5.23
N PRO B 235 18.49 8.94 4.26
CA PRO B 235 17.88 8.63 2.99
C PRO B 235 18.85 7.73 2.23
N GLY B 236 18.40 6.79 1.39
CA GLY B 236 16.98 6.47 1.12
C GLY B 236 16.32 7.51 0.21
N PHE B 237 15.06 7.82 0.48
CA PHE B 237 14.24 8.73 -0.34
C PHE B 237 13.88 9.84 0.66
N SER B 238 14.49 10.97 0.48
CA SER B 238 14.42 12.02 1.48
C SER B 238 13.03 12.61 1.55
N THR B 239 12.68 13.07 2.72
CA THR B 239 11.47 13.83 2.97
C THR B 239 11.39 15.05 2.06
N ALA B 240 12.52 15.72 1.86
CA ALA B 240 12.55 16.85 0.92
C ALA B 240 12.06 16.44 -0.47
N LEU B 241 12.54 15.33 -0.98
CA LEU B 241 12.15 14.87 -2.31
C LEU B 241 10.68 14.39 -2.36
N MET B 242 10.28 13.61 -1.39
CA MET B 242 8.84 13.26 -1.26
C MET B 242 7.92 14.46 -1.19
N ASN B 243 8.32 15.49 -0.42
CA ASN B 243 7.54 16.71 -0.33
C ASN B 243 7.45 17.41 -1.70
N LYS B 244 8.56 17.42 -2.44
CA LYS B 244 8.52 17.91 -3.81
C LYS B 244 7.52 17.14 -4.71
N ASP B 245 7.63 15.82 -4.70
CA ASP B 245 6.76 15.00 -5.52
C ASP B 245 5.31 15.16 -5.12
N LEU B 246 5.04 15.28 -3.84
CA LEU B 246 3.65 15.51 -3.40
C LEU B 246 3.13 16.87 -3.77
N GLY B 247 3.98 17.86 -3.80
CA GLY B 247 3.60 19.20 -4.31
C GLY B 247 3.19 19.07 -5.79
N LEU B 248 3.96 18.29 -6.57
CA LEU B 248 3.62 18.04 -7.94
C LEU B 248 2.28 17.28 -8.08
N ALA B 249 2.04 16.35 -7.21
CA ALA B 249 0.74 15.65 -7.18
C ALA B 249 -0.40 16.61 -6.88
N MET B 250 -0.17 17.52 -5.94
CA MET B 250 -1.18 18.50 -5.58
C MET B 250 -1.40 19.48 -6.75
N ASP B 251 -0.34 19.79 -7.49
CA ASP B 251 -0.50 20.59 -8.76
C ASP B 251 -1.35 19.86 -9.76
N ALA B 252 -1.13 18.53 -9.93
CA ALA B 252 -1.96 17.76 -10.81
C ALA B 252 -3.47 17.66 -10.35
N VAL B 253 -3.65 17.51 -9.04
CA VAL B 253 -5.00 17.51 -8.48
C VAL B 253 -5.67 18.87 -8.75
N ALA B 254 -4.95 19.94 -8.50
CA ALA B 254 -5.51 21.26 -8.73
C ALA B 254 -5.78 21.51 -10.20
N ALA B 255 -4.87 21.04 -11.10
CA ALA B 255 -5.07 21.29 -12.53
C ALA B 255 -6.25 20.49 -13.11
N THR B 256 -6.54 19.30 -12.55
CA THR B 256 -7.59 18.46 -13.06
C THR B 256 -8.92 18.66 -12.33
N GLY B 257 -8.94 19.30 -11.18
CA GLY B 257 -10.10 19.23 -10.31
C GLY B 257 -10.36 17.87 -9.61
N ALA B 258 -9.35 16.98 -9.57
CA ALA B 258 -9.53 15.66 -8.99
C ALA B 258 -9.79 15.79 -7.50
N THR B 259 -10.38 14.74 -6.94
CA THR B 259 -10.49 14.68 -5.52
C THR B 259 -9.57 13.57 -5.06
N ALA B 260 -8.66 13.91 -4.16
CA ALA B 260 -7.68 12.98 -3.65
C ALA B 260 -7.52 13.24 -2.14
N PRO B 261 -8.52 12.83 -1.36
CA PRO B 261 -8.53 13.17 0.06
C PRO B 261 -7.35 12.67 0.87
N LEU B 262 -6.95 11.41 0.67
CA LEU B 262 -5.84 10.89 1.45
C LEU B 262 -4.53 11.39 0.87
N GLY B 263 -4.43 11.47 -0.46
CA GLY B 263 -3.20 11.99 -1.11
C GLY B 263 -2.96 13.43 -0.67
N SER B 264 -4.01 14.26 -0.60
CA SER B 264 -3.90 15.67 -0.14
C SER B 264 -3.55 15.76 1.37
N HIS B 265 -4.09 14.82 2.16
CA HIS B 265 -3.80 14.72 3.58
C HIS B 265 -2.36 14.30 3.79
N ALA B 266 -1.90 13.31 3.02
CA ALA B 266 -0.51 13.00 3.03
C ALA B 266 0.44 14.16 2.65
N ALA B 267 0.05 14.92 1.62
CA ALA B 267 0.77 16.08 1.22
C ALA B 267 0.89 17.08 2.36
N ASP B 268 -0.19 17.31 3.09
N ASP B 268 -0.20 17.30 3.08
CA ASP B 268 -0.16 18.22 4.25
CA ASP B 268 -0.14 18.24 4.21
C ASP B 268 0.81 17.74 5.31
C ASP B 268 0.81 17.74 5.31
N ILE B 269 0.69 16.45 5.64
CA ILE B 269 1.60 15.79 6.61
C ILE B 269 3.08 15.88 6.26
N TYR B 270 3.40 15.63 4.99
CA TYR B 270 4.79 15.69 4.55
C TYR B 270 5.28 17.15 4.41
N ALA B 271 4.39 18.08 4.08
CA ALA B 271 4.83 19.47 4.05
C ALA B 271 5.27 19.99 5.44
N LYS B 272 4.51 19.67 6.47
CA LYS B 272 4.89 19.97 7.82
C LYS B 272 6.08 19.26 8.26
N PHE B 273 6.18 17.97 7.99
CA PHE B 273 7.34 17.22 8.41
C PHE B 273 8.63 17.71 7.70
N ALA B 274 8.52 18.11 6.43
CA ALA B 274 9.65 18.68 5.68
C ALA B 274 10.22 19.99 6.30
N ALA B 275 9.38 20.79 6.97
CA ALA B 275 9.85 22.03 7.58
C ALA B 275 11.05 21.77 8.47
N ASP B 276 11.02 20.71 9.33
CA ASP B 276 12.19 20.41 10.15
C ASP B 276 12.97 19.12 9.88
N HIS B 277 12.48 18.24 9.05
CA HIS B 277 13.12 16.94 8.85
C HIS B 277 13.32 16.59 7.40
N ALA B 278 13.57 17.64 6.58
CA ALA B 278 13.77 17.46 5.13
C ALA B 278 14.87 16.48 4.79
N ASP B 279 15.88 16.43 5.62
CA ASP B 279 17.04 15.63 5.40
C ASP B 279 16.84 14.16 5.81
N LEU B 280 15.72 13.79 6.45
CA LEU B 280 15.51 12.37 6.88
C LEU B 280 14.76 11.58 5.83
N ASP B 281 15.02 10.27 5.76
CA ASP B 281 14.19 9.44 4.90
C ASP B 281 12.70 9.72 5.17
N PHE B 282 11.86 9.66 4.14
CA PHE B 282 10.44 9.96 4.32
C PHE B 282 9.73 8.95 5.25
N SER B 283 10.33 7.78 5.47
CA SER B 283 9.77 6.84 6.50
C SER B 283 9.82 7.40 7.93
N ALA B 284 10.69 8.38 8.18
CA ALA B 284 10.82 9.07 9.46
C ALA B 284 9.59 9.80 9.92
N VAL B 285 8.61 9.94 9.06
CA VAL B 285 7.35 10.53 9.44
C VAL B 285 6.70 9.83 10.68
N ILE B 286 7.07 8.56 10.90
CA ILE B 286 6.63 7.80 12.07
C ILE B 286 6.89 8.59 13.37
N HIS B 287 7.93 9.41 13.39
CA HIS B 287 8.24 10.25 14.57
C HIS B 287 7.11 11.15 14.97
N THR B 288 6.33 11.60 14.03
CA THR B 288 5.28 12.52 14.33
C THR B 288 4.09 11.85 15.02
N LEU B 289 4.04 10.51 15.04
CA LEU B 289 2.89 9.77 15.55
C LEU B 289 3.16 9.26 16.95
N ARG B 290 4.35 9.56 17.49
CA ARG B 290 4.71 9.25 18.87
C ARG B 290 4.94 10.50 19.73
N ALA B 291 4.77 10.39 21.05
CA ALA B 291 5.23 11.41 22.03
#